data_8YF3
#
_entry.id   8YF3
#
_cell.length_a   40.261
_cell.length_b   42.131
_cell.length_c   98.003
_cell.angle_alpha   90.00
_cell.angle_beta   96.05
_cell.angle_gamma   90.00
#
_symmetry.space_group_name_H-M   'P 1 21 1'
#
loop_
_entity.id
_entity.type
_entity.pdbx_description
1 polymer 'Cytosine-specific methyltransferase'
2 non-polymer '(2S)-4-[{[(2S,3S,4R,5R)-5-(6-amino-9H-purin-9-yl)-3,4-dihydroxytetrahydrofuran-2-yl]methyl}(carboxylatomethyl)sulfonio] -2-ammoniobutanoate'
3 water water
#
_entity_poly.entity_id   1
_entity_poly.type   'polypeptide(L)'
_entity_poly.pdbx_seq_one_letter_code
;MKLPYKLQDVYDGESQAKFTVISTFAGGGGSSTGYRLAGAKILCINEFVEEARKTYAANYPSTPIVPDDIKQLTGGDFLK
ITGLKPRELDILDGSPPCSAFSVAGSMCRGEGSKHSDGWGKTKNYSDGKKVENIEDLFFEFIRVAKGIQPKVIVAENVKG
LTIGEAKTYYAKITNAFEDIGYLVTSKVMKSSHYGVGQARERLIFIAVRQDIADKVGLNILTVSSLFPPTSSEDTTIGDI
IGGVEQDPEYIQSLVDHMTKSGIYKKVVSKMPKNPKKILSGMDYHEKGHCFNTKRASFYKPSPTLTASGGLIHWNEDRVL
SVPELKRIQSLPDDFILTGSHSQQTERVGRMVPPLMMKAIAENIYKEVLSKL
;
_entity_poly.pdbx_strand_id   A
#
loop_
_chem_comp.id
_chem_comp.type
_chem_comp.name
_chem_comp.formula
GEK non-polymer '(2S)-4-[{[(2S,3S,4R,5R)-5-(6-amino-9H-purin-9-yl)-3,4-dihydroxytetrahydrofuran-2-yl]methyl}(carboxylatomethyl)sulfonio] -2-ammoniobutanoate' 'C16 H22 N6 O7 S'
#
# COMPACT_ATOMS: atom_id res chain seq x y z
N MET A 1 -7.29 -13.74 -4.72
CA MET A 1 -6.09 -14.55 -4.61
C MET A 1 -5.94 -15.17 -3.22
N LYS A 2 -5.24 -16.29 -3.16
CA LYS A 2 -5.01 -17.05 -1.93
C LYS A 2 -3.55 -16.87 -1.48
N LEU A 3 -3.34 -16.81 -0.16
CA LEU A 3 -1.98 -16.76 0.37
C LEU A 3 -1.51 -18.15 0.81
N PRO A 4 -0.28 -18.54 0.52
CA PRO A 4 0.78 -17.74 -0.09
C PRO A 4 0.82 -17.79 -1.61
N TYR A 5 1.54 -16.85 -2.21
CA TYR A 5 1.84 -16.84 -3.63
C TYR A 5 3.29 -16.39 -3.76
N LYS A 6 3.83 -16.49 -4.97
CA LYS A 6 5.24 -16.20 -5.17
C LYS A 6 5.40 -15.19 -6.31
N LEU A 7 6.62 -14.67 -6.43
CA LEU A 7 6.91 -13.65 -7.45
C LEU A 7 6.49 -14.10 -8.84
N GLN A 8 6.63 -15.39 -9.14
CA GLN A 8 6.29 -15.87 -10.47
C GLN A 8 4.81 -15.66 -10.79
N ASP A 9 3.94 -15.70 -9.79
CA ASP A 9 2.54 -15.38 -10.03
C ASP A 9 2.37 -13.90 -10.37
N VAL A 10 3.18 -13.04 -9.74
CA VAL A 10 3.15 -11.62 -10.07
C VAL A 10 3.60 -11.40 -11.51
N TYR A 11 4.69 -12.06 -11.90
CA TYR A 11 5.14 -11.99 -13.27
C TYR A 11 4.09 -12.54 -14.24
N ASP A 12 3.43 -13.64 -13.87
CA ASP A 12 2.38 -14.20 -14.72
C ASP A 12 1.25 -13.20 -14.93
N GLY A 13 0.75 -12.61 -13.85
CA GLY A 13 -0.28 -11.58 -13.98
C GLY A 13 0.19 -10.40 -14.81
N GLU A 14 1.41 -9.93 -14.56
CA GLU A 14 1.96 -8.81 -15.32
C GLU A 14 2.01 -9.11 -16.81
N SER A 15 2.20 -10.37 -17.18
CA SER A 15 2.39 -10.71 -18.58
C SER A 15 1.13 -10.50 -19.40
N GLN A 16 -0.04 -10.39 -18.76
CA GLN A 16 -1.27 -10.09 -19.50
C GLN A 16 -1.20 -8.72 -20.15
N ALA A 17 -0.55 -7.75 -19.48
CA ALA A 17 -0.42 -6.39 -19.99
C ALA A 17 -1.78 -5.84 -20.46
N LYS A 18 -2.76 -5.88 -19.56
CA LYS A 18 -4.12 -5.49 -19.89
C LYS A 18 -4.38 -4.01 -19.74
N PHE A 19 -3.57 -3.30 -18.96
CA PHE A 19 -3.69 -1.85 -18.80
C PHE A 19 -2.36 -1.34 -18.27
N THR A 20 -2.15 -0.04 -18.40
CA THR A 20 -0.86 0.58 -18.06
C THR A 20 -0.97 1.34 -16.74
N VAL A 21 0.12 1.29 -15.96
CA VAL A 21 0.18 1.95 -14.66
C VAL A 21 1.52 2.68 -14.52
N ILE A 22 1.47 3.89 -13.97
CA ILE A 22 2.64 4.52 -13.38
C ILE A 22 2.41 4.61 -11.88
N SER A 23 3.37 4.10 -11.10
CA SER A 23 3.28 4.12 -9.65
C SER A 23 4.27 5.15 -9.12
N THR A 24 3.74 6.27 -8.62
CA THR A 24 4.54 7.26 -7.91
C THR A 24 4.61 6.91 -6.42
N PHE A 25 5.62 7.44 -5.74
CA PHE A 25 5.89 7.05 -4.35
C PHE A 25 5.89 5.53 -4.24
N ALA A 26 6.65 4.90 -5.13
CA ALA A 26 6.45 3.49 -5.41
C ALA A 26 6.91 2.61 -4.25
N GLY A 27 7.84 3.08 -3.43
CA GLY A 27 8.29 2.30 -2.28
C GLY A 27 9.03 1.04 -2.68
N GLY A 28 8.94 0.03 -1.81
CA GLY A 28 9.38 -1.29 -2.18
C GLY A 28 8.49 -1.97 -3.20
N GLY A 29 7.32 -1.39 -3.47
CA GLY A 29 6.45 -1.88 -4.51
C GLY A 29 5.27 -2.70 -4.04
N GLY A 30 4.69 -2.37 -2.88
CA GLY A 30 3.48 -3.08 -2.48
C GLY A 30 2.33 -2.81 -3.44
N SER A 31 2.16 -1.55 -3.84
CA SER A 31 1.09 -1.19 -4.78
C SER A 31 1.33 -1.79 -6.14
N SER A 32 2.54 -1.60 -6.69
CA SER A 32 2.92 -2.21 -7.96
C SER A 32 2.61 -3.70 -7.97
N THR A 33 2.95 -4.40 -6.88
CA THR A 33 2.71 -5.84 -6.83
C THR A 33 1.24 -6.16 -7.09
N GLY A 34 0.33 -5.40 -6.47
CA GLY A 34 -1.08 -5.64 -6.67
C GLY A 34 -1.55 -5.28 -8.08
N TYR A 35 -1.04 -4.17 -8.61
CA TYR A 35 -1.34 -3.83 -10.01
C TYR A 35 -0.88 -4.96 -10.93
N ARG A 36 0.33 -5.47 -10.73
CA ARG A 36 0.83 -6.52 -11.62
C ARG A 36 -0.02 -7.78 -11.52
N LEU A 37 -0.50 -8.10 -10.31
CA LEU A 37 -1.33 -9.28 -10.13
C LEU A 37 -2.65 -9.15 -10.86
N ALA A 38 -3.14 -7.93 -11.02
CA ALA A 38 -4.39 -7.67 -11.73
C ALA A 38 -4.19 -7.53 -13.23
N GLY A 39 -2.94 -7.64 -13.70
CA GLY A 39 -2.64 -7.65 -15.11
C GLY A 39 -1.95 -6.43 -15.63
N ALA A 40 -1.41 -5.58 -14.75
CA ALA A 40 -0.90 -4.28 -15.16
C ALA A 40 0.50 -4.38 -15.74
N LYS A 41 0.77 -3.56 -16.75
CA LYS A 41 2.12 -3.30 -17.21
C LYS A 41 2.58 -2.00 -16.55
N ILE A 42 3.52 -2.11 -15.61
CA ILE A 42 4.08 -0.95 -14.91
C ILE A 42 5.02 -0.22 -15.87
N LEU A 43 4.63 0.96 -16.36
CA LEU A 43 5.47 1.66 -17.33
C LEU A 43 6.71 2.26 -16.68
N CYS A 44 6.57 2.78 -15.46
CA CYS A 44 7.72 3.25 -14.69
C CYS A 44 7.24 3.58 -13.29
N ILE A 45 8.20 3.82 -12.39
CA ILE A 45 7.89 4.22 -11.03
C ILE A 45 8.71 5.46 -10.70
N ASN A 46 8.29 6.16 -9.65
CA ASN A 46 9.06 7.25 -9.04
C ASN A 46 9.25 6.94 -7.56
N GLU A 47 10.51 7.04 -7.09
CA GLU A 47 10.89 6.70 -5.71
C GLU A 47 12.28 7.24 -5.44
N PHE A 48 12.41 8.19 -4.51
CA PHE A 48 13.71 8.86 -4.40
C PHE A 48 14.61 8.36 -3.26
N VAL A 49 14.15 7.38 -2.46
CA VAL A 49 15.00 6.77 -1.42
C VAL A 49 15.76 5.60 -2.03
N GLU A 50 17.09 5.60 -1.85
CA GLU A 50 17.94 4.58 -2.46
C GLU A 50 17.54 3.16 -2.07
N GLU A 51 17.20 2.93 -0.80
CA GLU A 51 16.95 1.56 -0.35
C GLU A 51 15.62 1.04 -0.86
N ALA A 52 14.62 1.91 -0.99
CA ALA A 52 13.37 1.51 -1.63
C ALA A 52 13.61 1.12 -3.08
N ARG A 53 14.40 1.89 -3.81
CA ARG A 53 14.72 1.53 -5.19
C ARG A 53 15.45 0.21 -5.26
N LYS A 54 16.40 -0.05 -4.36
CA LYS A 54 17.13 -1.31 -4.41
C LYS A 54 16.20 -2.48 -4.19
N THR A 55 15.23 -2.34 -3.29
CA THR A 55 14.26 -3.41 -3.07
C THR A 55 13.33 -3.56 -4.27
N TYR A 56 12.79 -2.44 -4.77
CA TYR A 56 11.94 -2.51 -5.96
C TYR A 56 12.67 -3.20 -7.10
N ALA A 57 13.87 -2.71 -7.42
CA ALA A 57 14.65 -3.25 -8.54
C ALA A 57 15.02 -4.70 -8.35
N ALA A 58 15.16 -5.18 -7.10
CA ALA A 58 15.50 -6.58 -6.87
C ALA A 58 14.35 -7.51 -7.24
N ASN A 59 13.12 -7.03 -7.10
CA ASN A 59 11.96 -7.85 -7.41
C ASN A 59 11.48 -7.66 -8.83
N TYR A 60 11.67 -6.45 -9.38
CA TYR A 60 11.14 -6.05 -10.68
C TYR A 60 12.24 -5.42 -11.51
N PRO A 61 13.25 -6.20 -11.89
CA PRO A 61 14.44 -5.62 -12.55
C PRO A 61 14.17 -4.93 -13.87
N SER A 62 13.04 -5.20 -14.54
CA SER A 62 12.75 -4.61 -15.84
C SER A 62 12.09 -3.24 -15.77
N THR A 63 11.46 -2.92 -14.65
CA THR A 63 10.66 -1.70 -14.55
C THR A 63 11.55 -0.47 -14.50
N PRO A 64 11.38 0.50 -15.40
CA PRO A 64 12.15 1.75 -15.30
C PRO A 64 11.84 2.49 -14.01
N ILE A 65 12.88 3.06 -13.40
CA ILE A 65 12.76 3.75 -12.12
C ILE A 65 13.25 5.19 -12.27
N VAL A 66 12.39 6.14 -11.94
CA VAL A 66 12.74 7.56 -11.93
C VAL A 66 13.13 7.90 -10.50
N PRO A 67 14.38 8.29 -10.23
CA PRO A 67 14.82 8.45 -8.84
C PRO A 67 14.63 9.85 -8.27
N ASP A 68 14.06 10.78 -9.05
CA ASP A 68 14.03 12.18 -8.65
C ASP A 68 13.01 12.41 -7.54
N ASP A 69 13.29 13.44 -6.74
CA ASP A 69 12.27 14.14 -5.97
C ASP A 69 11.09 14.51 -6.87
N ILE A 70 9.88 14.06 -6.51
CA ILE A 70 8.71 14.36 -7.32
C ILE A 70 8.54 15.86 -7.52
N LYS A 71 9.03 16.66 -6.58
CA LYS A 71 8.91 18.11 -6.72
C LYS A 71 9.69 18.65 -7.91
N GLN A 72 10.67 17.90 -8.42
CA GLN A 72 11.43 18.31 -9.59
C GLN A 72 10.81 17.83 -10.90
N LEU A 73 9.73 17.05 -10.85
CA LEU A 73 9.18 16.39 -12.02
C LEU A 73 7.82 16.96 -12.39
N THR A 74 7.51 16.89 -13.67
CA THR A 74 6.18 17.25 -14.19
C THR A 74 5.55 16.01 -14.80
N GLY A 75 4.23 16.05 -15.03
CA GLY A 75 3.60 14.97 -15.77
C GLY A 75 4.22 14.77 -17.14
N GLY A 76 4.60 15.89 -17.78
CA GLY A 76 5.24 15.81 -19.09
C GLY A 76 6.54 15.03 -19.07
N ASP A 77 7.32 15.18 -17.99
CA ASP A 77 8.50 14.33 -17.79
C ASP A 77 8.12 12.85 -17.81
N PHE A 78 7.11 12.46 -17.04
CA PHE A 78 6.66 11.07 -17.07
C PHE A 78 6.21 10.65 -18.46
N LEU A 79 5.45 11.51 -19.14
CA LEU A 79 5.02 11.19 -20.49
C LEU A 79 6.22 10.97 -21.40
N LYS A 80 7.22 11.86 -21.32
CA LYS A 80 8.41 11.72 -22.14
C LYS A 80 9.16 10.44 -21.79
N ILE A 81 9.21 10.08 -20.51
CA ILE A 81 9.96 8.89 -20.09
C ILE A 81 9.32 7.62 -20.65
N THR A 82 7.98 7.54 -20.61
CA THR A 82 7.26 6.32 -20.97
C THR A 82 6.82 6.28 -22.43
N GLY A 83 7.03 7.35 -23.19
CA GLY A 83 6.60 7.40 -24.57
C GLY A 83 5.10 7.56 -24.76
N LEU A 84 4.41 8.09 -23.77
CA LEU A 84 2.96 8.26 -23.87
C LEU A 84 2.61 9.68 -24.29
N LYS A 85 1.42 9.81 -24.89
CA LYS A 85 0.72 11.07 -25.06
C LYS A 85 -0.16 11.31 -23.84
N PRO A 86 -0.56 12.56 -23.58
CA PRO A 86 -1.52 12.81 -22.51
C PRO A 86 -2.79 12.02 -22.76
N ARG A 87 -3.45 11.61 -21.67
CA ARG A 87 -4.72 10.89 -21.68
C ARG A 87 -4.54 9.39 -21.96
N GLU A 88 -3.36 9.02 -22.45
CA GLU A 88 -3.11 7.64 -22.86
C GLU A 88 -2.90 6.69 -21.67
N LEU A 89 -2.41 7.19 -20.54
CA LEU A 89 -2.10 6.30 -19.42
C LEU A 89 -3.40 5.84 -18.74
N ASP A 90 -3.50 4.54 -18.47
CA ASP A 90 -4.73 4.01 -17.88
C ASP A 90 -4.87 4.35 -16.41
N ILE A 91 -3.85 4.05 -15.58
CA ILE A 91 -3.94 4.30 -14.14
C ILE A 91 -2.66 4.99 -13.69
N LEU A 92 -2.81 6.15 -13.05
CA LEU A 92 -1.72 6.77 -12.29
C LEU A 92 -1.92 6.46 -10.80
N ASP A 93 -0.93 5.82 -10.20
CA ASP A 93 -0.94 5.41 -8.79
C ASP A 93 -0.04 6.32 -7.96
N GLY A 94 -0.45 6.59 -6.73
CA GLY A 94 0.38 7.33 -5.80
C GLY A 94 -0.05 7.10 -4.37
N SER A 95 0.92 7.08 -3.47
CA SER A 95 0.65 7.12 -2.03
C SER A 95 1.64 8.06 -1.40
N PRO A 96 1.46 9.36 -1.57
CA PRO A 96 2.37 10.34 -0.98
C PRO A 96 2.38 10.20 0.53
N PRO A 97 3.53 10.40 1.17
CA PRO A 97 3.63 10.15 2.60
C PRO A 97 3.13 11.32 3.43
N CYS A 98 3.07 11.06 4.74
CA CYS A 98 3.04 12.01 5.86
C CYS A 98 1.68 12.17 6.51
N VAL A 131 3.15 29.93 12.10
CA VAL A 131 3.08 28.75 11.25
C VAL A 131 4.25 28.78 10.25
N GLU A 132 4.53 27.60 9.66
CA GLU A 132 5.66 27.37 8.76
C GLU A 132 5.15 26.53 7.62
N ASN A 133 5.76 26.66 6.44
CA ASN A 133 5.32 25.88 5.30
C ASN A 133 5.73 24.41 5.47
N ILE A 134 4.78 23.52 5.21
CA ILE A 134 5.00 22.08 5.20
C ILE A 134 4.65 21.63 3.79
N GLU A 135 5.59 20.97 3.11
CA GLU A 135 5.29 20.45 1.78
C GLU A 135 4.18 19.42 1.85
N ASP A 136 3.34 19.39 0.83
CA ASP A 136 2.29 18.38 0.71
C ASP A 136 2.51 17.67 -0.61
N LEU A 137 3.12 16.50 -0.55
CA LEU A 137 3.40 15.73 -1.75
C LEU A 137 2.14 15.20 -2.41
N PHE A 138 1.00 15.17 -1.71
CA PHE A 138 -0.24 14.79 -2.36
C PHE A 138 -0.63 15.82 -3.40
N PHE A 139 -0.34 17.09 -3.15
CA PHE A 139 -0.67 18.12 -4.13
C PHE A 139 0.37 18.19 -5.24
N GLU A 140 1.62 17.83 -4.94
CA GLU A 140 2.58 17.55 -5.99
C GLU A 140 2.09 16.41 -6.88
N PHE A 141 1.48 15.39 -6.28
CA PHE A 141 0.94 14.28 -7.06
C PHE A 141 -0.15 14.76 -8.01
N ILE A 142 -1.11 15.53 -7.47
CA ILE A 142 -2.18 16.11 -8.29
C ILE A 142 -1.61 16.92 -9.45
N ARG A 143 -0.59 17.75 -9.17
CA ARG A 143 0.05 18.56 -10.20
C ARG A 143 0.59 17.70 -11.33
N VAL A 144 1.25 16.59 -11.00
CA VAL A 144 1.76 15.67 -12.01
C VAL A 144 0.63 15.00 -12.76
N ALA A 145 -0.44 14.63 -12.05
CA ALA A 145 -1.60 14.02 -12.71
C ALA A 145 -2.24 14.96 -13.71
N LYS A 146 -2.18 16.26 -13.46
CA LYS A 146 -2.72 17.25 -14.40
C LYS A 146 -2.01 17.14 -15.75
N GLY A 147 -0.70 16.95 -15.74
CA GLY A 147 0.04 16.81 -16.99
C GLY A 147 -0.22 15.48 -17.68
N ILE A 148 -0.37 14.42 -16.90
CA ILE A 148 -0.49 13.09 -17.50
C ILE A 148 -1.90 12.85 -18.02
N GLN A 149 -2.90 13.42 -17.36
CA GLN A 149 -4.31 13.21 -17.68
C GLN A 149 -4.68 11.72 -17.75
N PRO A 150 -4.31 10.92 -16.74
CA PRO A 150 -4.61 9.49 -16.80
C PRO A 150 -6.11 9.25 -16.84
N LYS A 151 -6.49 8.12 -17.43
CA LYS A 151 -7.91 7.73 -17.41
C LYS A 151 -8.43 7.63 -15.98
N VAL A 152 -7.62 7.08 -15.06
CA VAL A 152 -8.01 6.81 -13.68
C VAL A 152 -6.85 7.18 -12.76
N ILE A 153 -7.17 7.74 -11.59
CA ILE A 153 -6.20 8.04 -10.54
C ILE A 153 -6.55 7.24 -9.29
N VAL A 154 -5.54 6.62 -8.68
CA VAL A 154 -5.70 5.89 -7.43
C VAL A 154 -4.66 6.45 -6.47
N ALA A 155 -5.12 7.11 -5.40
CA ALA A 155 -4.23 7.84 -4.52
C ALA A 155 -4.67 7.64 -3.07
N GLU A 156 -3.81 7.00 -2.28
CA GLU A 156 -4.03 6.90 -0.86
C GLU A 156 -3.48 8.14 -0.17
N ASN A 157 -4.21 8.63 0.84
CA ASN A 157 -3.81 9.83 1.57
C ASN A 157 -3.56 9.47 3.03
N VAL A 158 -2.39 9.83 3.54
CA VAL A 158 -2.05 9.46 4.92
C VAL A 158 -1.52 10.67 5.66
N LYS A 159 -1.84 11.88 5.15
CA LYS A 159 -1.43 13.09 5.85
C LYS A 159 -1.97 13.10 7.28
N GLY A 160 -1.07 13.27 8.25
CA GLY A 160 -1.50 13.41 9.62
C GLY A 160 -2.13 14.76 9.82
N LEU A 161 -3.33 14.79 10.38
CA LEU A 161 -4.14 16.00 10.37
C LEU A 161 -4.56 16.38 11.78
N THR A 162 -4.48 17.68 12.07
CA THR A 162 -5.03 18.21 13.31
C THR A 162 -6.55 18.11 13.32
N ILE A 163 -7.13 18.28 14.50
CA ILE A 163 -8.58 18.39 14.60
C ILE A 163 -9.02 19.67 13.91
N GLY A 164 -10.12 19.59 13.17
CA GLY A 164 -10.59 20.75 12.42
C GLY A 164 -9.89 20.99 11.11
N GLU A 165 -8.87 20.20 10.78
CA GLU A 165 -8.22 20.22 9.48
C GLU A 165 -8.62 19.07 8.59
N ALA A 166 -8.98 17.93 9.16
CA ALA A 166 -9.10 16.71 8.37
C ALA A 166 -10.19 16.83 7.30
N LYS A 167 -11.42 17.11 7.72
CA LYS A 167 -12.52 17.18 6.76
C LYS A 167 -12.31 18.28 5.73
N THR A 168 -11.87 19.47 6.18
CA THR A 168 -11.63 20.56 5.22
C THR A 168 -10.53 20.19 4.23
N TYR A 169 -9.53 19.43 4.68
CA TYR A 169 -8.42 19.06 3.81
C TYR A 169 -8.84 18.05 2.76
N TYR A 170 -9.65 17.05 3.16
CA TYR A 170 -10.13 16.09 2.18
C TYR A 170 -11.09 16.73 1.18
N ALA A 171 -11.85 17.74 1.62
CA ALA A 171 -12.67 18.51 0.68
C ALA A 171 -11.79 19.29 -0.30
N LYS A 172 -10.66 19.84 0.19
CA LYS A 172 -9.73 20.52 -0.71
C LYS A 172 -9.13 19.55 -1.72
N ILE A 173 -8.83 18.31 -1.28
CA ILE A 173 -8.32 17.29 -2.19
C ILE A 173 -9.36 16.99 -3.25
N THR A 174 -10.61 16.77 -2.82
CA THR A 174 -11.68 16.44 -3.75
C THR A 174 -11.89 17.55 -4.77
N ASN A 175 -11.97 18.80 -4.32
CA ASN A 175 -12.07 19.93 -5.25
C ASN A 175 -10.89 19.95 -6.21
N ALA A 176 -9.70 19.63 -5.73
CA ALA A 176 -8.51 19.72 -6.58
C ALA A 176 -8.55 18.70 -7.70
N PHE A 177 -9.05 17.50 -7.42
CA PHE A 177 -9.24 16.52 -8.51
C PHE A 177 -10.32 16.98 -9.48
N GLU A 178 -11.40 17.57 -8.96
CA GLU A 178 -12.44 18.07 -9.86
C GLU A 178 -11.92 19.22 -10.71
N ASP A 179 -11.04 20.06 -10.16
CA ASP A 179 -10.47 21.18 -10.91
C ASP A 179 -9.71 20.71 -12.15
N ILE A 180 -9.05 19.56 -12.08
CA ILE A 180 -8.28 19.04 -13.20
C ILE A 180 -9.12 18.08 -14.05
N GLY A 181 -10.44 18.08 -13.87
CA GLY A 181 -11.33 17.44 -14.81
C GLY A 181 -11.66 16.00 -14.51
N TYR A 182 -11.83 15.66 -13.23
CA TYR A 182 -12.05 14.28 -12.80
C TYR A 182 -13.33 14.18 -12.00
N LEU A 183 -14.03 13.06 -12.17
CA LEU A 183 -15.06 12.60 -11.24
C LEU A 183 -14.36 11.80 -10.15
N VAL A 184 -14.62 12.14 -8.89
CA VAL A 184 -13.79 11.63 -7.81
C VAL A 184 -14.64 11.09 -6.66
N THR A 185 -14.18 9.99 -6.05
CA THR A 185 -14.82 9.43 -4.89
C THR A 185 -13.73 8.98 -3.92
N SER A 186 -14.10 8.81 -2.67
CA SER A 186 -13.11 8.49 -1.64
C SER A 186 -13.77 7.63 -0.57
N LYS A 187 -12.96 6.80 0.07
CA LYS A 187 -13.47 5.90 1.09
C LYS A 187 -12.31 5.40 1.93
N VAL A 188 -12.56 5.24 3.22
CA VAL A 188 -11.61 4.52 4.07
C VAL A 188 -11.80 3.04 3.81
N MET A 189 -10.75 2.39 3.32
CA MET A 189 -10.79 0.96 3.09
C MET A 189 -10.01 0.25 4.20
N LYS A 190 -10.53 -0.89 4.63
CA LYS A 190 -9.90 -1.72 5.67
C LYS A 190 -9.37 -2.98 5.00
N SER A 191 -8.04 -3.13 4.96
CA SER A 191 -7.45 -4.18 4.14
C SER A 191 -7.91 -5.59 4.53
N SER A 192 -8.40 -5.79 5.77
CA SER A 192 -8.88 -7.08 6.22
C SER A 192 -10.24 -7.46 5.62
N HIS A 193 -10.86 -6.57 4.86
CA HIS A 193 -12.04 -6.95 4.10
C HIS A 193 -11.70 -7.49 2.73
N TYR A 194 -10.42 -7.51 2.36
CA TYR A 194 -9.99 -7.93 1.04
C TYR A 194 -8.94 -9.03 1.11
N GLY A 195 -9.04 -9.88 2.13
CA GLY A 195 -8.18 -11.04 2.25
C GLY A 195 -6.85 -10.82 2.91
N VAL A 196 -6.60 -9.63 3.47
CA VAL A 196 -5.33 -9.31 4.11
C VAL A 196 -5.52 -9.40 5.61
N GLY A 197 -4.66 -10.18 6.29
CA GLY A 197 -4.86 -10.36 7.72
C GLY A 197 -4.34 -9.20 8.56
N GLN A 198 -4.88 -8.01 8.34
CA GLN A 198 -4.36 -6.77 8.91
C GLN A 198 -5.48 -5.73 8.91
N ALA A 199 -5.66 -5.06 10.04
CA ALA A 199 -6.71 -4.04 10.18
C ALA A 199 -6.28 -2.65 9.70
N ARG A 200 -5.55 -2.59 8.60
CA ARG A 200 -5.02 -1.33 8.07
C ARG A 200 -6.15 -0.53 7.41
N GLU A 201 -6.37 0.68 7.91
CA GLU A 201 -7.46 1.53 7.45
C GLU A 201 -6.88 2.83 6.92
N ARG A 202 -7.11 3.11 5.64
CA ARG A 202 -6.57 4.30 5.03
C ARG A 202 -7.56 4.84 4.00
N LEU A 203 -7.62 6.15 3.91
CA LEU A 203 -8.50 6.82 2.94
C LEU A 203 -7.87 6.73 1.56
N ILE A 204 -8.61 6.20 0.59
CA ILE A 204 -8.16 6.08 -0.79
C ILE A 204 -9.12 6.86 -1.69
N PHE A 205 -8.55 7.69 -2.57
CA PHE A 205 -9.27 8.40 -3.60
C PHE A 205 -9.17 7.63 -4.90
N ILE A 206 -10.29 7.55 -5.60
CA ILE A 206 -10.34 7.07 -6.97
C ILE A 206 -11.01 8.16 -7.82
N ALA A 207 -10.38 8.52 -8.92
CA ALA A 207 -10.89 9.57 -9.76
C ALA A 207 -10.80 9.11 -11.20
N VAL A 208 -11.83 9.46 -12.00
CA VAL A 208 -11.91 9.03 -13.38
C VAL A 208 -12.02 10.29 -14.23
N ARG A 209 -11.26 10.34 -15.31
CA ARG A 209 -11.32 11.52 -16.22
C ARG A 209 -12.80 11.70 -16.64
N GLN A 210 -13.28 12.93 -16.71
CA GLN A 210 -14.71 13.19 -17.03
C GLN A 210 -15.06 12.51 -18.36
N ASP A 211 -14.20 12.64 -19.36
CA ASP A 211 -14.29 11.96 -20.67
C ASP A 211 -14.67 10.50 -20.47
N ILE A 212 -13.81 9.77 -19.78
CA ILE A 212 -13.97 8.31 -19.54
C ILE A 212 -15.24 8.04 -18.72
N ALA A 213 -15.48 8.85 -17.73
CA ALA A 213 -16.65 8.64 -16.87
C ALA A 213 -17.93 8.75 -17.70
N ASP A 214 -17.88 9.61 -18.70
CA ASP A 214 -19.10 9.83 -19.51
C ASP A 214 -19.32 8.60 -20.38
N LYS A 215 -18.26 8.18 -21.04
CA LYS A 215 -18.35 7.00 -21.89
C LYS A 215 -18.89 5.79 -21.12
N VAL A 216 -18.32 5.53 -19.95
CA VAL A 216 -18.69 4.37 -19.15
C VAL A 216 -19.97 4.58 -18.34
N GLY A 217 -20.44 5.82 -18.23
CA GLY A 217 -21.70 6.09 -17.57
C GLY A 217 -21.61 6.34 -16.08
N LEU A 218 -20.39 6.48 -15.55
CA LEU A 218 -20.23 6.83 -14.14
C LEU A 218 -20.79 8.22 -13.89
N ASN A 219 -21.48 8.37 -12.76
CA ASN A 219 -21.97 9.64 -12.26
C ASN A 219 -21.75 9.67 -10.75
N ILE A 220 -22.09 10.81 -10.13
CA ILE A 220 -21.88 11.00 -8.69
C ILE A 220 -22.56 9.90 -7.90
N LEU A 221 -23.64 9.34 -8.41
CA LEU A 221 -24.42 8.33 -7.71
C LEU A 221 -23.97 6.90 -7.99
N THR A 222 -23.15 6.68 -9.02
CA THR A 222 -22.55 5.36 -9.24
C THR A 222 -21.05 5.34 -8.94
N VAL A 223 -20.47 6.48 -8.56
CA VAL A 223 -19.03 6.58 -8.52
C VAL A 223 -18.45 5.69 -7.44
N SER A 224 -19.19 5.47 -6.34
CA SER A 224 -18.71 4.60 -5.29
C SER A 224 -18.58 3.15 -5.73
N SER A 225 -19.18 2.77 -6.86
CA SER A 225 -19.01 1.42 -7.38
C SER A 225 -17.60 1.15 -7.87
N LEU A 226 -16.75 2.18 -7.92
CA LEU A 226 -15.35 1.97 -8.25
C LEU A 226 -14.61 1.24 -7.14
N PHE A 227 -15.11 1.29 -5.92
CA PHE A 227 -14.43 0.56 -4.85
C PHE A 227 -14.83 -0.92 -4.88
N PRO A 228 -13.87 -1.82 -4.72
CA PRO A 228 -14.15 -3.25 -4.93
C PRO A 228 -15.09 -3.79 -3.87
N PRO A 229 -15.82 -4.86 -4.16
CA PRO A 229 -16.63 -5.47 -3.13
C PRO A 229 -15.74 -6.14 -2.08
N THR A 230 -16.21 -6.14 -0.85
CA THR A 230 -15.47 -6.80 0.22
C THR A 230 -15.58 -8.31 0.04
N SER A 231 -14.45 -9.01 0.14
CA SER A 231 -14.43 -10.46 -0.03
C SER A 231 -14.39 -11.23 1.28
N SER A 232 -13.90 -10.63 2.37
CA SER A 232 -13.82 -11.32 3.65
C SER A 232 -14.49 -10.48 4.72
N GLU A 233 -14.68 -11.10 5.90
CA GLU A 233 -15.27 -10.44 7.06
C GLU A 233 -14.24 -10.32 8.17
N ASP A 234 -13.14 -9.63 7.90
CA ASP A 234 -12.00 -9.42 8.79
C ASP A 234 -11.08 -10.63 8.85
N THR A 235 -10.25 -10.78 7.83
CA THR A 235 -9.22 -11.80 7.81
C THR A 235 -8.25 -11.62 8.97
N THR A 236 -8.06 -12.69 9.74
CA THR A 236 -7.18 -12.66 10.90
C THR A 236 -5.77 -13.07 10.53
N ILE A 237 -4.84 -12.80 11.46
CA ILE A 237 -3.51 -13.38 11.35
C ILE A 237 -3.59 -14.88 11.15
N GLY A 238 -4.36 -15.56 12.01
CA GLY A 238 -4.48 -17.02 11.91
C GLY A 238 -4.86 -17.50 10.53
N ASP A 239 -5.71 -16.73 9.82
CA ASP A 239 -6.21 -17.15 8.52
C ASP A 239 -5.11 -17.22 7.47
N ILE A 240 -4.07 -16.40 7.58
CA ILE A 240 -3.09 -16.23 6.51
C ILE A 240 -1.66 -16.51 6.94
N ILE A 241 -1.39 -16.76 8.22
CA ILE A 241 0.01 -16.84 8.66
C ILE A 241 0.60 -18.24 8.55
N GLY A 242 -0.19 -19.23 8.13
CA GLY A 242 0.26 -20.62 8.20
C GLY A 242 1.42 -20.90 7.26
N GLY A 243 2.46 -21.57 7.77
CA GLY A 243 3.50 -22.11 6.91
C GLY A 243 4.60 -21.17 6.49
N VAL A 244 4.84 -20.09 7.24
CA VAL A 244 5.87 -19.13 6.83
C VAL A 244 7.25 -19.73 7.09
N GLU A 245 8.15 -19.63 6.10
CA GLU A 245 9.51 -20.14 6.24
C GLU A 245 10.32 -19.18 7.09
N GLN A 246 11.17 -19.73 7.96
CA GLN A 246 11.62 -18.94 9.09
C GLN A 246 12.62 -19.74 9.91
N ASP A 247 13.87 -19.30 9.98
CA ASP A 247 14.89 -20.12 10.64
C ASP A 247 14.75 -19.98 12.16
N PRO A 248 14.62 -21.08 12.90
CA PRO A 248 14.45 -20.98 14.37
C PRO A 248 15.59 -20.25 15.06
N GLU A 249 16.77 -20.19 14.46
CA GLU A 249 17.88 -19.45 15.06
C GLU A 249 17.65 -17.95 14.95
N TYR A 250 17.25 -17.48 13.76
CA TYR A 250 16.83 -16.09 13.57
C TYR A 250 15.72 -15.73 14.54
N ILE A 251 14.71 -16.59 14.65
CA ILE A 251 13.59 -16.32 15.55
C ILE A 251 14.06 -16.29 16.99
N GLN A 252 14.95 -17.21 17.37
CA GLN A 252 15.48 -17.20 18.73
C GLN A 252 16.21 -15.90 19.02
N SER A 253 17.05 -15.45 18.09
CA SER A 253 17.77 -14.20 18.30
C SER A 253 16.81 -13.03 18.52
N LEU A 254 15.64 -13.05 17.87
CA LEU A 254 14.63 -12.03 18.15
C LEU A 254 14.16 -12.10 19.59
N VAL A 255 13.87 -13.31 20.07
CA VAL A 255 13.41 -13.50 21.44
C VAL A 255 14.49 -13.06 22.42
N ASP A 256 15.76 -13.40 22.15
CA ASP A 256 16.85 -13.04 23.06
C ASP A 256 17.02 -11.54 23.16
N HIS A 257 17.04 -10.86 22.01
CA HIS A 257 17.16 -9.41 22.01
C HIS A 257 15.99 -8.77 22.76
N MET A 258 14.83 -9.40 22.71
CA MET A 258 13.66 -8.85 23.40
C MET A 258 13.76 -9.03 24.90
N THR A 259 14.04 -10.26 25.35
CA THR A 259 14.02 -10.58 26.77
C THR A 259 14.99 -9.73 27.57
N LYS A 260 16.09 -9.31 26.95
CA LYS A 260 17.14 -8.57 27.66
C LYS A 260 17.02 -7.06 27.44
N SER A 261 15.80 -6.56 27.27
CA SER A 261 15.56 -5.17 26.89
C SER A 261 14.52 -4.53 27.79
N GLY A 262 14.51 -3.21 27.80
CA GLY A 262 13.67 -2.47 28.74
C GLY A 262 12.18 -2.68 28.48
N ILE A 263 11.77 -2.58 27.22
CA ILE A 263 10.34 -2.70 26.92
C ILE A 263 9.81 -4.06 27.35
N TYR A 264 10.66 -5.07 27.39
CA TYR A 264 10.24 -6.37 27.93
C TYR A 264 10.03 -6.28 29.44
N LYS A 265 11.06 -5.84 30.16
CA LYS A 265 10.99 -5.79 31.61
C LYS A 265 9.81 -4.94 32.08
N LYS A 266 9.55 -3.83 31.39
CA LYS A 266 8.50 -2.90 31.79
C LYS A 266 7.12 -3.22 31.21
N VAL A 267 7.05 -3.76 29.99
CA VAL A 267 5.75 -3.85 29.33
C VAL A 267 5.43 -5.27 28.90
N VAL A 268 6.21 -5.81 27.97
CA VAL A 268 5.81 -7.04 27.30
C VAL A 268 5.75 -8.21 28.26
N SER A 269 6.68 -8.26 29.23
CA SER A 269 6.66 -9.31 30.25
C SER A 269 5.35 -9.35 31.02
N LYS A 270 4.59 -8.25 31.02
CA LYS A 270 3.32 -8.14 31.71
C LYS A 270 2.13 -8.34 30.79
N MET A 271 2.37 -8.53 29.50
CA MET A 271 1.30 -8.74 28.54
C MET A 271 1.03 -10.23 28.39
N PRO A 272 -0.22 -10.67 28.50
CA PRO A 272 -0.49 -12.10 28.36
C PRO A 272 -0.20 -12.60 26.95
N LYS A 273 0.19 -13.86 26.87
CA LYS A 273 0.37 -14.54 25.60
C LYS A 273 -0.98 -15.05 25.07
N ASN A 274 -1.02 -15.34 23.78
CA ASN A 274 -2.21 -15.85 23.12
C ASN A 274 -3.44 -15.00 23.36
N PRO A 275 -3.35 -13.68 23.27
CA PRO A 275 -4.52 -12.85 23.61
C PRO A 275 -5.63 -13.07 22.59
N LYS A 276 -6.87 -12.86 23.05
CA LYS A 276 -8.02 -12.92 22.15
C LYS A 276 -8.30 -11.58 21.48
N LYS A 277 -7.50 -10.56 21.77
CA LYS A 277 -7.68 -9.23 21.23
C LYS A 277 -6.32 -8.55 21.23
N ILE A 278 -6.17 -7.53 20.38
CA ILE A 278 -4.96 -6.73 20.40
C ILE A 278 -4.79 -6.11 21.79
N LEU A 279 -3.58 -6.18 22.34
CA LEU A 279 -3.25 -5.60 23.63
C LEU A 279 -2.42 -4.34 23.44
N SER A 280 -2.73 -3.31 24.24
CA SER A 280 -1.97 -2.06 24.22
C SER A 280 -1.01 -2.05 25.40
N GLY A 281 0.24 -1.67 25.15
CA GLY A 281 1.23 -1.55 26.20
C GLY A 281 0.91 -0.48 27.22
N MET A 282 -0.04 0.40 26.93
CA MET A 282 -0.41 1.45 27.87
C MET A 282 -1.42 0.98 28.90
N ASP A 283 -2.17 -0.08 28.59
CA ASP A 283 -2.99 -0.76 29.56
C ASP A 283 -2.19 -1.73 30.43
N TYR A 284 -0.86 -1.55 30.50
CA TYR A 284 0.01 -2.43 31.26
C TYR A 284 1.16 -1.64 31.87
N ASN A 292 2.24 2.98 19.65
CA ASN A 292 2.49 2.34 20.95
C ASN A 292 2.87 0.89 20.81
N THR A 293 3.44 0.32 21.87
CA THR A 293 3.74 -1.10 21.89
C THR A 293 2.44 -1.89 21.96
N LYS A 294 2.20 -2.75 20.97
CA LYS A 294 0.99 -3.57 20.93
C LYS A 294 1.34 -5.03 20.71
N ARG A 295 0.53 -5.92 21.27
CA ARG A 295 0.66 -7.35 21.05
C ARG A 295 -0.44 -7.82 20.09
N ALA A 296 -0.02 -8.41 18.97
CA ALA A 296 -0.95 -8.97 18.00
C ALA A 296 -1.67 -10.19 18.57
N SER A 297 -2.84 -10.46 18.01
CA SER A 297 -3.63 -11.62 18.35
C SER A 297 -3.80 -12.51 17.14
N PHE A 298 -3.64 -13.82 17.37
CA PHE A 298 -3.83 -14.81 16.31
C PHE A 298 -5.26 -14.78 15.77
N TYR A 299 -6.22 -14.37 16.59
CA TYR A 299 -7.63 -14.49 16.27
C TYR A 299 -8.26 -13.17 15.83
N LYS A 300 -7.44 -12.17 15.52
CA LYS A 300 -7.84 -10.86 15.01
C LYS A 300 -6.96 -10.53 13.81
N PRO A 301 -7.41 -9.62 12.93
CA PRO A 301 -6.51 -9.06 11.94
C PRO A 301 -5.36 -8.36 12.64
N SER A 302 -4.18 -8.43 12.03
CA SER A 302 -2.99 -7.83 12.62
C SER A 302 -3.19 -6.35 12.94
N PRO A 303 -2.50 -5.84 13.95
CA PRO A 303 -2.33 -4.39 14.06
C PRO A 303 -1.71 -3.84 12.79
N THR A 304 -2.03 -2.59 12.48
CA THR A 304 -1.46 -1.95 11.29
C THR A 304 0.06 -1.99 11.31
N LEU A 305 0.65 -2.47 10.22
CA LEU A 305 2.09 -2.38 10.08
C LEU A 305 2.48 -0.96 9.70
N THR A 306 3.40 -0.38 10.45
CA THR A 306 3.86 0.98 10.22
C THR A 306 5.36 0.97 9.98
N ALA A 307 5.88 2.15 9.63
CA ALA A 307 7.31 2.28 9.33
C ALA A 307 8.16 1.98 10.56
N SER A 308 7.67 2.36 11.75
CA SER A 308 8.45 2.16 12.97
C SER A 308 8.51 0.70 13.39
N GLY A 309 7.46 -0.05 13.09
CA GLY A 309 7.40 -1.48 13.32
C GLY A 309 7.70 -1.96 14.73
N GLY A 310 6.76 -1.84 15.65
CA GLY A 310 7.05 -2.35 16.99
C GLY A 310 6.13 -3.44 17.50
N LEU A 311 5.55 -4.25 16.61
CA LEU A 311 4.48 -5.16 16.98
C LEU A 311 5.01 -6.42 17.66
N ILE A 312 4.32 -6.84 18.71
CA ILE A 312 4.72 -8.01 19.48
C ILE A 312 3.98 -9.23 18.95
N HIS A 313 4.73 -10.32 18.74
CA HIS A 313 4.16 -11.61 18.36
C HIS A 313 3.09 -12.03 19.36
N TRP A 314 2.14 -12.85 18.88
CA TRP A 314 1.02 -13.26 19.71
C TRP A 314 1.39 -14.30 20.74
N ASN A 315 2.45 -15.07 20.51
CA ASN A 315 2.88 -16.24 21.29
C ASN A 315 4.26 -16.08 21.90
N GLU A 316 5.18 -15.47 21.18
CA GLU A 316 6.56 -15.44 21.58
C GLU A 316 6.94 -14.02 21.98
N ASP A 317 7.84 -13.93 22.97
CA ASP A 317 8.27 -12.64 23.50
C ASP A 317 9.33 -12.07 22.57
N ARG A 318 8.86 -11.39 21.52
CA ARG A 318 9.71 -10.89 20.46
C ARG A 318 8.83 -10.08 19.51
N VAL A 319 9.46 -9.27 18.68
CA VAL A 319 8.73 -8.56 17.63
C VAL A 319 8.34 -9.57 16.56
N LEU A 320 7.45 -9.19 15.65
CA LEU A 320 7.15 -10.03 14.50
C LEU A 320 8.37 -10.07 13.58
N SER A 321 8.52 -11.18 12.89
CA SER A 321 9.67 -11.33 12.02
C SER A 321 9.38 -10.74 10.64
N VAL A 322 10.45 -10.45 9.91
CA VAL A 322 10.29 -9.98 8.53
C VAL A 322 9.47 -10.97 7.70
N PRO A 323 9.73 -12.29 7.75
CA PRO A 323 8.83 -13.21 7.03
C PRO A 323 7.37 -13.11 7.46
N GLU A 324 7.10 -12.92 8.75
CA GLU A 324 5.71 -12.74 9.19
C GLU A 324 5.14 -11.41 8.71
N LEU A 325 5.93 -10.35 8.74
CA LEU A 325 5.47 -9.06 8.25
C LEU A 325 5.15 -9.10 6.76
N LYS A 326 5.95 -9.83 5.98
CA LYS A 326 5.68 -9.98 4.55
C LYS A 326 4.35 -10.69 4.33
N ARG A 327 4.08 -11.72 5.14
CA ARG A 327 2.84 -12.48 4.99
C ARG A 327 1.65 -11.66 5.44
N ILE A 328 1.79 -10.92 6.55
CA ILE A 328 0.71 -10.09 7.02
C ILE A 328 0.41 -8.98 6.01
N GLN A 329 1.44 -8.51 5.30
CA GLN A 329 1.24 -7.49 4.29
C GLN A 329 0.68 -8.03 2.98
N SER A 330 0.55 -9.36 2.87
CA SER A 330 0.07 -10.07 1.68
C SER A 330 1.03 -9.91 0.50
N LEU A 331 2.33 -9.78 0.81
CA LEU A 331 3.38 -9.92 -0.18
C LEU A 331 3.58 -11.39 -0.56
N PRO A 332 4.19 -11.67 -1.72
CA PRO A 332 4.58 -13.05 -2.01
C PRO A 332 5.69 -13.51 -1.06
N ASP A 333 5.74 -14.83 -0.81
CA ASP A 333 6.64 -15.36 0.21
C ASP A 333 8.11 -15.14 -0.14
N ASP A 334 8.47 -15.15 -1.42
CA ASP A 334 9.84 -14.97 -1.85
C ASP A 334 10.16 -13.53 -2.24
N PHE A 335 9.38 -12.56 -1.74
CA PHE A 335 9.63 -11.16 -2.03
C PHE A 335 10.95 -10.73 -1.41
N ILE A 336 11.79 -10.07 -2.20
CA ILE A 336 13.12 -9.69 -1.74
C ILE A 336 13.03 -8.35 -1.04
N LEU A 337 13.60 -8.26 0.15
CA LEU A 337 13.74 -7.00 0.86
C LEU A 337 15.22 -6.79 1.13
N THR A 338 15.69 -5.55 0.93
CA THR A 338 17.10 -5.24 1.06
C THR A 338 17.38 -4.42 2.31
N GLY A 339 18.64 -4.48 2.76
CA GLY A 339 19.07 -3.66 3.86
C GLY A 339 18.96 -4.34 5.21
N SER A 340 19.12 -3.51 6.25
CA SER A 340 19.05 -3.97 7.62
C SER A 340 17.67 -4.48 7.96
N HIS A 341 17.59 -5.28 9.03
CA HIS A 341 16.31 -5.74 9.56
C HIS A 341 15.33 -4.59 9.74
N SER A 342 15.82 -3.45 10.22
CA SER A 342 14.97 -2.29 10.48
C SER A 342 14.52 -1.62 9.19
N GLN A 343 15.40 -1.61 8.16
CA GLN A 343 15.00 -1.08 6.87
C GLN A 343 13.99 -1.98 6.18
N GLN A 344 14.14 -3.30 6.35
CA GLN A 344 13.17 -4.22 5.76
C GLN A 344 11.81 -4.09 6.42
N THR A 345 11.79 -3.97 7.76
CA THR A 345 10.51 -3.79 8.44
C THR A 345 9.86 -2.47 8.03
N GLU A 346 10.66 -1.41 7.87
CA GLU A 346 10.12 -0.14 7.41
C GLU A 346 9.50 -0.27 6.03
N ARG A 347 10.23 -0.89 5.09
CA ARG A 347 9.77 -0.99 3.71
C ARG A 347 8.44 -1.73 3.62
N VAL A 348 8.29 -2.80 4.39
CA VAL A 348 7.01 -3.49 4.45
C VAL A 348 5.95 -2.62 5.11
N GLY A 349 6.33 -1.93 6.18
CA GLY A 349 5.35 -1.14 6.91
C GLY A 349 4.70 -0.06 6.08
N ARG A 350 5.45 0.54 5.15
CA ARG A 350 4.94 1.66 4.35
C ARG A 350 4.11 1.22 3.16
N MET A 351 3.93 -0.08 2.94
CA MET A 351 3.27 -0.58 1.76
C MET A 351 1.75 -0.49 1.84
N VAL A 352 1.12 -0.38 0.66
CA VAL A 352 -0.26 -0.85 0.51
C VAL A 352 -0.24 -2.35 0.30
N PRO A 353 -1.07 -3.13 0.99
CA PRO A 353 -1.05 -4.59 0.81
C PRO A 353 -1.37 -4.97 -0.62
N PRO A 354 -0.47 -5.70 -1.28
CA PRO A 354 -0.71 -6.07 -2.69
C PRO A 354 -2.09 -6.64 -2.97
N LEU A 355 -2.64 -7.43 -2.06
CA LEU A 355 -3.90 -8.09 -2.37
C LEU A 355 -5.07 -7.12 -2.34
N MET A 356 -5.01 -6.09 -1.47
CA MET A 356 -6.03 -5.06 -1.54
C MET A 356 -5.92 -4.25 -2.82
N MET A 357 -4.70 -3.86 -3.20
CA MET A 357 -4.53 -3.13 -4.43
C MET A 357 -4.86 -3.99 -5.64
N LYS A 358 -4.65 -5.30 -5.56
CA LYS A 358 -5.14 -6.19 -6.62
C LYS A 358 -6.66 -6.08 -6.76
N ALA A 359 -7.38 -6.13 -5.64
CA ALA A 359 -8.82 -5.99 -5.65
C ALA A 359 -9.24 -4.66 -6.27
N ILE A 360 -8.57 -3.58 -5.87
CA ILE A 360 -8.88 -2.26 -6.42
C ILE A 360 -8.62 -2.24 -7.92
N ALA A 361 -7.51 -2.84 -8.36
CA ALA A 361 -7.13 -2.73 -9.76
C ALA A 361 -8.04 -3.58 -10.64
N GLU A 362 -8.34 -4.81 -10.20
CA GLU A 362 -9.34 -5.65 -10.88
C GLU A 362 -10.63 -4.90 -11.09
N ASN A 363 -11.14 -4.31 -10.02
CA ASN A 363 -12.45 -3.68 -10.08
C ASN A 363 -12.44 -2.50 -11.05
N ILE A 364 -11.36 -1.73 -11.07
CA ILE A 364 -11.26 -0.62 -12.00
C ILE A 364 -11.20 -1.14 -13.43
N TYR A 365 -10.50 -2.25 -13.64
CA TYR A 365 -10.45 -2.82 -14.97
C TYR A 365 -11.83 -3.30 -15.41
N LYS A 366 -12.55 -4.01 -14.55
CA LYS A 366 -13.86 -4.51 -14.95
C LYS A 366 -14.87 -3.37 -15.13
N GLU A 367 -14.84 -2.37 -14.23
CA GLU A 367 -15.89 -1.34 -14.23
C GLU A 367 -15.61 -0.17 -15.17
N VAL A 368 -14.36 0.02 -15.61
CA VAL A 368 -14.00 1.21 -16.36
C VAL A 368 -13.19 0.85 -17.60
N LEU A 369 -12.02 0.24 -17.38
CA LEU A 369 -11.04 0.06 -18.46
C LEU A 369 -11.47 -0.99 -19.49
N SER A 370 -12.20 -2.04 -19.08
CA SER A 370 -12.64 -3.07 -20.02
C SER A 370 -13.83 -2.65 -20.87
N LYS A 371 -14.34 -1.43 -20.70
CA LYS A 371 -15.41 -0.92 -21.54
C LYS A 371 -14.91 -0.01 -22.64
N LEU A 372 -13.59 0.17 -22.76
CA LEU A 372 -13.03 1.20 -23.64
C LEU A 372 -12.54 0.64 -24.97
C GEK B . 4.18 0.64 -1.57
N GEK B . 2.70 2.54 -1.92
O GEK B . 5.37 0.17 -1.43
N1 GEK B . 9.75 12.18 -4.27
C2 GEK B . 9.77 10.86 -4.68
N3 GEK B . 9.50 9.81 -3.75
C4 GEK B . 9.21 10.21 -2.46
C5 GEK B . 9.22 11.55 -2.16
C6 GEK B . 9.49 12.45 -3.06
N6 GEK B . 9.49 13.86 -2.65
N7 GEK B . 8.90 11.62 -0.81
C8 GEK B . 8.67 10.42 -0.16
N9 GEK B . 8.88 9.56 -1.24
CA GEK B . 4.03 2.15 -1.74
CB GEK B . 4.64 2.64 -0.39
SD GEK B . 5.46 4.98 0.98
CE GEK B . 3.92 5.30 1.95
CG GEK B . 5.02 4.09 -0.60
CZ GEK B . 4.26 6.20 3.13
C1' GEK B . 8.77 8.09 -1.14
C2' GEK B . 9.12 7.44 0.15
O2' GEK B . 10.50 7.10 0.02
C3' GEK B . 8.33 6.21 0.27
O3' GEK B . 9.00 5.03 -0.28
C4' GEK B . 7.09 6.40 -0.52
O4' GEK B . 7.25 7.68 -1.26
C5' GEK B . 5.93 6.63 0.37
OXT GEK B . 3.13 -0.06 -1.58
OZ1 GEK B . 3.38 6.93 3.67
OZ2 GEK B . 5.42 6.24 3.54
#